data_8HE4
#
_entry.id   8HE4
#
_cell.length_a   39.754
_cell.length_b   65.693
_cell.length_c   106.806
_cell.angle_alpha   90.000
_cell.angle_beta   90.000
_cell.angle_gamma   90.000
#
_symmetry.space_group_name_H-M   'P 21 21 21'
#
loop_
_entity.id
_entity.type
_entity.pdbx_description
1 polymer 'Chitin deacetylase'
2 non-polymer 'ZINC ION'
3 non-polymer ~{N}-oxidanylnaphthalene-1-carboxamide
4 water water
#
_entity_poly.entity_id   1
_entity_poly.type   'polypeptide(L)'
_entity_poly.pdbx_seq_one_letter_code
;MGFTRLLTLVVTVASLLRFDQVTGAHTNDIRSLRARQDTAVPVYDTCTVPGSFALTFDDGPYGFSTRLDSTLNAANAKGS
FFINGQNWGCIYDYADVLLERFNNGHFIASHTWSHVHMNQGTYEQLSHQLELVEQAMIRILGVKPLYMRPPYGEYNDVVL
QVLRDRGYKGLIMWNQDSGDTFTPTPSSAQIIDSYRSFPEKTISLNHEIKDFTVDQVIPAVIPILQQKGFSLQTVPECLG
LSSDPADWYVRVQEPGTRDDSWTCEATPLPGNFEHHHHHH
;
_entity_poly.pdbx_strand_id   A
#
loop_
_chem_comp.id
_chem_comp.type
_chem_comp.name
_chem_comp.formula
8GK non-polymer ~{N}-oxidanylnaphthalene-1-carboxamide 'C11 H9 N O2'
ZN non-polymer 'ZINC ION' 'Zn 2'
#
# COMPACT_ATOMS: atom_id res chain seq x y z
N VAL A 41 1.25 -8.23 17.35
CA VAL A 41 1.61 -7.42 16.19
C VAL A 41 1.33 -5.92 16.38
N PRO A 42 2.33 -5.05 16.17
CA PRO A 42 2.08 -3.62 16.42
C PRO A 42 1.19 -3.03 15.35
N VAL A 43 0.44 -2.01 15.75
CA VAL A 43 -0.43 -1.20 14.89
C VAL A 43 0.21 0.18 14.77
N TYR A 44 0.43 0.64 13.54
CA TYR A 44 1.08 1.91 13.29
C TYR A 44 0.16 2.83 12.51
N ASP A 45 0.13 4.13 12.88
CA ASP A 45 -0.65 5.10 12.14
C ASP A 45 0.07 6.43 11.92
N THR A 46 1.28 6.57 12.44
CA THR A 46 2.05 7.81 12.36
C THR A 46 3.52 7.50 12.16
N CYS A 47 4.19 8.24 11.28
CA CYS A 47 5.64 8.12 11.12
C CYS A 47 6.35 8.60 12.38
N THR A 48 7.62 8.21 12.52
CA THR A 48 8.45 8.70 13.62
C THR A 48 9.65 9.51 13.15
N VAL A 49 10.08 9.36 11.91
CA VAL A 49 11.28 10.03 11.39
C VAL A 49 10.98 11.51 11.17
N PRO A 50 11.71 12.41 11.82
CA PRO A 50 11.49 13.85 11.60
C PRO A 50 11.54 14.19 10.11
N GLY A 51 10.55 14.95 9.67
CA GLY A 51 10.46 15.41 8.30
C GLY A 51 9.94 14.39 7.33
N SER A 52 9.58 13.18 7.77
CA SER A 52 9.09 12.18 6.83
C SER A 52 7.59 12.37 6.56
N PHE A 53 7.13 11.76 5.47
CA PHE A 53 5.74 11.87 5.02
C PHE A 53 5.50 10.67 4.13
N ALA A 54 4.48 9.88 4.42
CA ALA A 54 4.21 8.64 3.71
C ALA A 54 2.95 8.82 2.84
N LEU A 55 3.15 8.86 1.52
CA LEU A 55 2.02 8.77 0.57
C LEU A 55 1.64 7.30 0.41
N THR A 56 0.41 6.92 0.81
CA THR A 56 0.04 5.51 0.70
C THR A 56 -1.17 5.32 -0.20
N PHE A 57 -1.24 4.14 -0.83
CA PHE A 57 -2.22 3.89 -1.89
C PHE A 57 -2.85 2.50 -1.71
N ASP A 58 -4.18 2.47 -1.61
CA ASP A 58 -4.89 1.21 -1.39
C ASP A 58 -5.58 0.72 -2.67
N ASP A 59 -5.95 -0.56 -2.66
CA ASP A 59 -6.88 -1.23 -3.57
C ASP A 59 -6.29 -1.55 -4.95
N GLY A 60 -5.01 -1.21 -5.20
CA GLY A 60 -4.39 -1.43 -6.48
C GLY A 60 -3.76 -2.81 -6.64
N PRO A 61 -2.96 -2.99 -7.70
CA PRO A 61 -2.74 -2.01 -8.78
C PRO A 61 -3.99 -1.82 -9.64
N TYR A 62 -3.90 -0.91 -10.60
CA TYR A 62 -5.07 -0.58 -11.41
C TYR A 62 -4.56 0.00 -12.73
N GLY A 63 -5.48 0.48 -13.55
CA GLY A 63 -5.08 0.89 -14.90
C GLY A 63 -4.27 2.17 -14.98
N PHE A 64 -4.11 2.86 -13.85
CA PHE A 64 -3.35 4.10 -13.83
C PHE A 64 -2.02 3.93 -13.11
N SER A 65 -1.65 2.71 -12.73
CA SER A 65 -0.51 2.49 -11.84
C SER A 65 0.82 2.84 -12.48
N THR A 66 0.97 2.58 -13.79
CA THR A 66 2.22 2.93 -14.46
C THR A 66 2.41 4.44 -14.48
N ARG A 67 1.32 5.18 -14.70
CA ARG A 67 1.36 6.65 -14.61
C ARG A 67 1.76 7.08 -13.21
N LEU A 68 1.10 6.51 -12.19
CA LEU A 68 1.37 6.91 -10.82
C LEU A 68 2.81 6.64 -10.43
N ASP A 69 3.34 5.46 -10.78
CA ASP A 69 4.72 5.14 -10.43
C ASP A 69 5.73 5.99 -11.20
N SER A 70 5.42 6.33 -12.45
CA SER A 70 6.28 7.22 -13.23
C SER A 70 6.39 8.59 -12.57
N THR A 71 5.26 9.12 -12.10
CA THR A 71 5.26 10.39 -11.38
C THR A 71 6.08 10.31 -10.10
N LEU A 72 5.89 9.26 -9.31
CA LEU A 72 6.67 9.08 -8.09
C LEU A 72 8.16 8.97 -8.41
N ASN A 73 8.48 8.10 -9.37
CA ASN A 73 9.88 7.82 -9.67
C ASN A 73 10.60 9.06 -10.19
N ALA A 74 9.92 9.88 -10.98
CA ALA A 74 10.55 11.07 -11.53
C ALA A 74 10.95 12.05 -10.44
N ALA A 75 10.31 11.97 -9.27
CA ALA A 75 10.61 12.84 -8.14
C ALA A 75 11.41 12.11 -7.06
N ASN A 76 11.83 10.87 -7.33
CA ASN A 76 12.48 10.03 -6.35
C ASN A 76 11.63 9.87 -5.08
N ALA A 77 10.31 9.90 -5.26
CA ALA A 77 9.36 9.73 -4.17
C ALA A 77 8.94 8.27 -4.09
N LYS A 78 8.82 7.74 -2.87
CA LYS A 78 8.50 6.33 -2.64
C LYS A 78 7.09 6.21 -2.09
N GLY A 79 6.29 5.33 -2.70
CA GLY A 79 4.94 5.09 -2.25
C GLY A 79 4.83 3.80 -1.45
N SER A 80 3.75 3.69 -0.68
CA SER A 80 3.40 2.48 0.04
C SER A 80 2.10 1.95 -0.56
N PHE A 81 2.08 0.68 -0.98
CA PHE A 81 0.98 0.14 -1.77
C PHE A 81 0.39 -1.07 -1.06
N PHE A 82 -0.90 -0.99 -0.71
CA PHE A 82 -1.59 -2.07 -0.01
C PHE A 82 -2.52 -2.69 -1.05
N ILE A 83 -2.05 -3.80 -1.66
CA ILE A 83 -2.66 -4.35 -2.86
C ILE A 83 -3.70 -5.41 -2.52
N ASN A 84 -4.65 -5.60 -3.45
CA ASN A 84 -5.65 -6.66 -3.39
C ASN A 84 -5.30 -7.76 -4.41
N GLY A 85 -5.89 -8.94 -4.22
CA GLY A 85 -5.66 -10.05 -5.13
C GLY A 85 -6.69 -10.06 -6.24
N GLN A 86 -7.95 -9.95 -5.82
CA GLN A 86 -9.08 -10.00 -6.76
C GLN A 86 -10.07 -8.94 -6.31
N ASN A 87 -9.87 -7.72 -6.81
CA ASN A 87 -10.65 -6.55 -6.42
C ASN A 87 -10.10 -5.42 -7.30
N TRP A 88 -10.93 -4.86 -8.17
CA TRP A 88 -10.43 -3.92 -9.19
C TRP A 88 -9.33 -4.58 -10.01
N GLY A 89 -9.59 -5.80 -10.45
CA GLY A 89 -8.65 -6.51 -11.29
C GLY A 89 -7.88 -7.58 -10.53
N CYS A 90 -7.37 -8.53 -11.29
CA CYS A 90 -6.66 -9.70 -10.78
C CYS A 90 -5.17 -9.36 -10.65
N ILE A 91 -4.59 -9.66 -9.48
CA ILE A 91 -3.20 -9.25 -9.21
C ILE A 91 -2.25 -9.81 -10.27
N TYR A 92 -2.56 -10.98 -10.83
CA TYR A 92 -1.65 -11.56 -11.84
C TYR A 92 -1.67 -10.77 -13.15
N ASP A 93 -2.79 -10.11 -13.47
CA ASP A 93 -2.77 -9.23 -14.65
C ASP A 93 -1.93 -7.98 -14.45
N TYR A 94 -1.51 -7.72 -13.22
CA TYR A 94 -0.70 -6.55 -12.89
C TYR A 94 0.73 -6.94 -12.56
N ALA A 95 1.18 -8.11 -13.01
CA ALA A 95 2.50 -8.61 -12.60
C ALA A 95 3.63 -7.66 -13.00
N ASP A 96 3.55 -7.06 -14.20
CA ASP A 96 4.63 -6.20 -14.66
C ASP A 96 4.72 -4.92 -13.84
N VAL A 97 3.59 -4.28 -13.56
CA VAL A 97 3.56 -3.14 -12.64
C VAL A 97 4.15 -3.53 -11.30
N LEU A 98 3.75 -4.68 -10.78
CA LEU A 98 4.20 -5.08 -9.45
C LEU A 98 5.71 -5.25 -9.41
N LEU A 99 6.27 -5.81 -10.47
CA LEU A 99 7.72 -6.01 -10.54
C LEU A 99 8.47 -4.70 -10.64
N GLU A 100 7.97 -3.74 -11.46
CA GLU A 100 8.56 -2.40 -11.49
C GLU A 100 8.53 -1.76 -10.11
N ARG A 101 7.37 -1.84 -9.47
CA ARG A 101 7.15 -1.29 -8.14
C ARG A 101 8.13 -1.89 -7.14
N PHE A 102 8.23 -3.22 -7.14
CA PHE A 102 9.09 -3.94 -6.22
C PHE A 102 10.56 -3.56 -6.42
N ASN A 103 11.00 -3.44 -7.65
CA ASN A 103 12.40 -3.17 -7.92
C ASN A 103 12.75 -1.71 -7.84
N ASN A 104 11.78 -0.83 -7.62
CA ASN A 104 12.07 0.58 -7.50
C ASN A 104 11.96 1.07 -6.05
N GLY A 105 12.00 0.16 -5.09
CA GLY A 105 12.06 0.64 -3.73
C GLY A 105 10.73 1.12 -3.17
N HIS A 106 9.64 0.89 -3.88
CA HIS A 106 8.32 1.13 -3.32
C HIS A 106 7.95 -0.02 -2.38
N PHE A 107 7.14 0.31 -1.36
CA PHE A 107 6.74 -0.65 -0.34
C PHE A 107 5.44 -1.33 -0.75
N ILE A 108 5.46 -2.67 -0.86
CA ILE A 108 4.28 -3.45 -1.26
C ILE A 108 3.82 -4.29 -0.07
N ALA A 109 2.53 -4.19 0.28
CA ALA A 109 1.98 -4.89 1.42
C ALA A 109 0.55 -5.31 1.11
N SER A 110 0.01 -6.18 1.96
CA SER A 110 -1.26 -6.82 1.62
C SER A 110 -2.44 -5.98 2.10
N HIS A 111 -3.52 -6.00 1.32
CA HIS A 111 -4.82 -5.43 1.67
C HIS A 111 -5.91 -6.52 1.69
N THR A 112 -5.50 -7.79 1.73
CA THR A 112 -6.26 -9.04 1.61
C THR A 112 -6.61 -9.35 0.16
N TRP A 113 -6.99 -10.61 -0.07
CA TRP A 113 -7.29 -11.07 -1.42
C TRP A 113 -8.52 -10.39 -1.98
N SER A 114 -9.64 -10.43 -1.24
CA SER A 114 -10.95 -10.04 -1.76
C SER A 114 -11.46 -8.77 -1.14
N HIS A 115 -10.65 -8.08 -0.33
CA HIS A 115 -11.08 -6.83 0.29
C HIS A 115 -12.28 -7.04 1.22
N VAL A 116 -12.14 -7.99 2.15
CA VAL A 116 -13.22 -8.41 3.04
C VAL A 116 -13.28 -7.53 4.28
N HIS A 117 -14.45 -7.52 4.91
CA HIS A 117 -14.67 -6.95 6.24
C HIS A 117 -14.11 -7.95 7.25
N MET A 118 -12.85 -7.72 7.66
CA MET A 118 -12.13 -8.78 8.38
C MET A 118 -12.73 -9.05 9.75
N ASN A 119 -13.44 -8.09 10.37
CA ASN A 119 -14.05 -8.40 11.64
C ASN A 119 -15.19 -9.41 11.49
N GLN A 120 -15.59 -9.74 10.27
CA GLN A 120 -16.70 -10.68 10.05
C GLN A 120 -16.23 -12.09 9.74
N GLY A 121 -14.92 -12.31 9.62
CA GLY A 121 -14.45 -13.61 9.21
C GLY A 121 -13.99 -14.46 10.36
N THR A 122 -13.99 -15.77 10.16
CA THR A 122 -13.35 -16.70 11.07
C THR A 122 -11.84 -16.62 10.91
N TYR A 123 -11.12 -17.13 11.92
CA TYR A 123 -9.66 -17.25 11.83
C TYR A 123 -9.24 -17.86 10.49
N GLU A 124 -9.92 -18.94 10.09
CA GLU A 124 -9.52 -19.68 8.89
C GLU A 124 -9.72 -18.86 7.63
N GLN A 125 -10.86 -18.20 7.51
CA GLN A 125 -11.14 -17.39 6.33
C GLN A 125 -10.13 -16.24 6.22
N LEU A 126 -9.75 -15.65 7.35
CA LEU A 126 -8.76 -14.57 7.34
C LEU A 126 -7.38 -15.09 6.98
N SER A 127 -7.01 -16.25 7.50
CA SER A 127 -5.75 -16.87 7.08
C SER A 127 -5.72 -17.07 5.57
N HIS A 128 -6.82 -17.58 5.02
CA HIS A 128 -6.95 -17.76 3.58
C HIS A 128 -6.86 -16.43 2.83
N GLN A 129 -7.57 -15.40 3.31
CA GLN A 129 -7.56 -14.09 2.66
C GLN A 129 -6.15 -13.49 2.62
N LEU A 130 -5.33 -13.78 3.56
CA LEU A 130 -3.96 -13.28 3.56
C LEU A 130 -3.03 -14.18 2.70
N GLU A 131 -3.20 -15.46 2.93
CA GLU A 131 -2.43 -16.43 2.23
C GLU A 131 -2.44 -16.27 0.69
N LEU A 132 -3.59 -16.05 0.12
CA LEU A 132 -3.72 -15.91 -1.30
C LEU A 132 -2.84 -14.75 -1.84
N VAL A 133 -2.80 -13.65 -1.09
CA VAL A 133 -1.95 -12.53 -1.51
C VAL A 133 -0.48 -12.91 -1.39
N GLU A 134 -0.10 -13.53 -0.25
CA GLU A 134 1.25 -14.06 -0.10
C GLU A 134 1.64 -14.95 -1.28
N GLN A 135 0.77 -15.91 -1.62
CA GLN A 135 1.02 -16.79 -2.76
C GLN A 135 1.28 -16.01 -4.04
N ALA A 136 0.45 -15.00 -4.34
CA ALA A 136 0.67 -14.26 -5.56
C ALA A 136 2.02 -13.55 -5.53
N MET A 137 2.37 -12.93 -4.39
CA MET A 137 3.65 -12.24 -4.35
C MET A 137 4.81 -13.22 -4.42
N ILE A 138 4.64 -14.43 -3.87
CA ILE A 138 5.67 -15.45 -4.01
C ILE A 138 5.88 -15.82 -5.47
N ARG A 139 4.77 -16.06 -6.19
CA ARG A 139 4.88 -16.41 -7.62
C ARG A 139 5.50 -15.28 -8.44
N ILE A 140 5.03 -14.04 -8.26
CA ILE A 140 5.43 -12.94 -9.13
C ILE A 140 6.79 -12.39 -8.71
N LEU A 141 7.00 -12.20 -7.41
CA LEU A 141 8.15 -11.49 -6.86
C LEU A 141 9.15 -12.39 -6.15
N GLY A 142 8.77 -13.60 -5.79
CA GLY A 142 9.66 -14.44 -5.02
C GLY A 142 9.58 -14.27 -3.52
N VAL A 143 8.74 -13.36 -3.00
CA VAL A 143 8.72 -12.97 -1.59
C VAL A 143 7.29 -12.98 -1.05
N LYS A 144 7.17 -12.99 0.29
CA LYS A 144 5.98 -12.82 1.11
C LYS A 144 5.97 -11.41 1.70
N PRO A 145 4.83 -10.72 1.78
CA PRO A 145 4.81 -9.47 2.52
C PRO A 145 4.91 -9.72 4.02
N LEU A 146 5.39 -8.71 4.74
CA LEU A 146 5.46 -8.74 6.20
C LEU A 146 4.48 -7.76 6.84
N TYR A 147 3.72 -7.02 6.05
CA TYR A 147 2.83 -6.00 6.59
C TYR A 147 1.50 -6.06 5.86
N MET A 148 0.50 -5.41 6.45
CA MET A 148 -0.83 -5.37 5.84
C MET A 148 -1.60 -4.18 6.39
N ARG A 149 -2.60 -3.75 5.62
CA ARG A 149 -3.56 -2.73 6.03
C ARG A 149 -4.95 -3.35 5.88
N PRO A 150 -5.79 -3.31 6.91
CA PRO A 150 -7.13 -3.94 6.80
C PRO A 150 -8.07 -3.12 5.93
N PRO A 151 -8.83 -3.78 5.07
CA PRO A 151 -9.93 -3.09 4.39
C PRO A 151 -10.80 -2.35 5.41
N TYR A 152 -11.30 -1.18 5.02
CA TYR A 152 -12.17 -0.36 5.84
C TYR A 152 -11.52 0.05 7.15
N GLY A 153 -10.23 -0.21 7.32
CA GLY A 153 -9.58 0.06 8.59
C GLY A 153 -10.15 -0.73 9.75
N GLU A 154 -10.80 -1.86 9.48
CA GLU A 154 -11.51 -2.66 10.49
C GLU A 154 -10.66 -3.86 10.88
N TYR A 155 -10.41 -3.99 12.18
CA TYR A 155 -9.65 -5.14 12.65
C TYR A 155 -10.03 -5.41 14.11
N ASN A 156 -9.62 -6.56 14.61
CA ASN A 156 -9.98 -7.00 15.96
C ASN A 156 -8.91 -7.95 16.43
N ASP A 157 -9.16 -8.65 17.55
CA ASP A 157 -8.13 -9.50 18.13
C ASP A 157 -7.85 -10.72 17.26
N VAL A 158 -8.86 -11.20 16.54
CA VAL A 158 -8.66 -12.35 15.66
C VAL A 158 -7.73 -11.98 14.51
N VAL A 159 -7.97 -10.83 13.88
CA VAL A 159 -7.06 -10.33 12.85
C VAL A 159 -5.64 -10.25 13.38
N LEU A 160 -5.47 -9.60 14.54
CA LEU A 160 -4.13 -9.47 15.10
C LEU A 160 -3.51 -10.83 15.40
N GLN A 161 -4.31 -11.79 15.89
CA GLN A 161 -3.76 -13.12 16.12
C GLN A 161 -3.33 -13.78 14.82
N VAL A 162 -4.17 -13.71 13.78
CA VAL A 162 -3.81 -14.33 12.50
C VAL A 162 -2.53 -13.72 11.97
N LEU A 163 -2.41 -12.39 12.06
CA LEU A 163 -1.21 -11.72 11.58
C LEU A 163 0.02 -12.21 12.33
N ARG A 164 -0.08 -12.27 13.66
CA ARG A 164 1.00 -12.81 14.48
C ARG A 164 1.37 -14.21 14.03
N ASP A 165 0.37 -15.08 13.87
CA ASP A 165 0.63 -16.48 13.50
C ASP A 165 1.26 -16.59 12.13
N ARG A 166 0.94 -15.70 11.21
CA ARG A 166 1.46 -15.77 9.85
C ARG A 166 2.80 -15.05 9.68
N GLY A 167 3.40 -14.55 10.77
CA GLY A 167 4.70 -13.89 10.71
C GLY A 167 4.70 -12.43 10.31
N TYR A 168 3.57 -11.76 10.31
CA TYR A 168 3.51 -10.36 9.96
C TYR A 168 4.17 -9.49 11.04
N LYS A 169 4.79 -8.41 10.65
CA LYS A 169 5.44 -7.51 11.56
C LYS A 169 4.69 -6.24 11.91
N GLY A 170 3.57 -6.05 11.25
CA GLY A 170 2.78 -4.90 11.50
C GLY A 170 1.51 -4.69 10.74
N LEU A 171 0.58 -4.03 11.38
CA LEU A 171 -0.67 -3.65 10.76
C LEU A 171 -0.64 -2.13 10.61
N ILE A 172 -0.75 -1.64 9.38
CA ILE A 172 -0.50 -0.24 9.06
C ILE A 172 -1.84 0.44 8.85
N MET A 173 -2.18 1.38 9.73
CA MET A 173 -3.36 2.24 9.54
C MET A 173 -2.91 3.56 8.86
N TRP A 174 -3.46 4.72 9.25
CA TRP A 174 -3.08 6.01 8.68
C TRP A 174 -3.54 7.10 9.64
N ASN A 175 -3.10 8.34 9.43
CA ASN A 175 -3.56 9.44 10.28
C ASN A 175 -4.09 10.66 9.52
N GLN A 176 -4.05 10.66 8.21
CA GLN A 176 -4.78 11.65 7.42
C GLN A 176 -5.40 10.94 6.23
N ASP A 177 -6.62 11.35 5.88
CA ASP A 177 -7.37 10.80 4.76
C ASP A 177 -7.47 11.85 3.65
N SER A 178 -7.00 11.50 2.45
CA SER A 178 -7.14 12.40 1.31
C SER A 178 -8.60 12.75 1.03
N GLY A 179 -9.52 11.86 1.41
CA GLY A 179 -10.91 12.02 1.04
C GLY A 179 -11.21 11.57 -0.36
N ASP A 180 -10.25 10.91 -1.04
CA ASP A 180 -10.50 10.62 -2.46
C ASP A 180 -11.55 9.54 -2.66
N THR A 181 -12.03 8.87 -1.60
CA THR A 181 -13.15 7.94 -1.71
C THR A 181 -14.36 8.35 -0.87
N PHE A 182 -14.36 9.54 -0.28
CA PHE A 182 -15.58 10.06 0.34
C PHE A 182 -16.67 10.15 -0.72
N THR A 183 -17.92 10.06 -0.27
CA THR A 183 -19.01 10.32 -1.22
C THR A 183 -20.08 11.21 -0.57
N PRO A 184 -20.42 12.37 -1.16
CA PRO A 184 -19.81 12.90 -2.39
C PRO A 184 -18.32 13.16 -2.22
N THR A 185 -17.65 13.23 -3.31
CA THR A 185 -16.19 13.24 -3.35
C THR A 185 -15.71 14.67 -3.46
N PRO A 186 -14.75 15.09 -2.63
CA PRO A 186 -14.13 16.42 -2.80
C PRO A 186 -13.49 16.55 -4.16
N SER A 187 -13.34 17.79 -4.61
CA SER A 187 -12.60 18.02 -5.84
C SER A 187 -11.11 17.77 -5.61
N SER A 188 -10.42 17.51 -6.72
CA SER A 188 -8.96 17.49 -6.71
C SER A 188 -8.38 18.74 -6.05
N ALA A 189 -8.94 19.93 -6.37
CA ALA A 189 -8.41 21.16 -5.78
C ALA A 189 -8.58 21.15 -4.28
N GLN A 190 -9.74 20.65 -3.79
CA GLN A 190 -9.93 20.53 -2.35
C GLN A 190 -8.93 19.57 -1.72
N ILE A 191 -8.72 18.41 -2.35
CA ILE A 191 -7.81 17.41 -1.78
C ILE A 191 -6.39 17.98 -1.74
N ILE A 192 -5.95 18.58 -2.84
CA ILE A 192 -4.62 19.19 -2.88
C ILE A 192 -4.48 20.23 -1.77
N ASP A 193 -5.53 21.03 -1.55
CA ASP A 193 -5.45 22.04 -0.51
C ASP A 193 -5.36 21.40 0.87
N SER A 194 -6.11 20.33 1.11
CA SER A 194 -5.94 19.59 2.36
C SER A 194 -4.49 19.17 2.56
N TYR A 195 -3.85 18.67 1.51
CA TYR A 195 -2.45 18.25 1.63
C TYR A 195 -1.52 19.39 2.03
N ARG A 196 -1.86 20.65 1.71
CA ARG A 196 -1.00 21.77 2.09
C ARG A 196 -0.90 21.95 3.60
N SER A 197 -1.80 21.32 4.36
N SER A 197 -1.78 21.31 4.36
CA SER A 197 -1.78 21.47 5.81
CA SER A 197 -1.78 21.46 5.80
C SER A 197 -1.60 20.16 6.54
C SER A 197 -1.61 20.15 6.54
N PHE A 198 -1.41 19.04 5.84
CA PHE A 198 -1.04 17.80 6.51
C PHE A 198 0.36 17.98 7.09
N PRO A 199 0.58 17.65 8.36
CA PRO A 199 1.88 17.93 8.99
C PRO A 199 2.94 16.88 8.68
N GLU A 200 4.17 17.16 9.13
CA GLU A 200 5.21 16.14 9.04
C GLU A 200 4.74 14.87 9.74
N LYS A 201 5.28 13.73 9.31
CA LYS A 201 5.06 12.38 9.85
C LYS A 201 3.66 11.86 9.53
N THR A 202 2.93 12.52 8.64
CA THR A 202 1.63 12.02 8.18
C THR A 202 1.80 10.68 7.46
N ILE A 203 0.88 9.74 7.72
CA ILE A 203 0.63 8.59 6.84
C ILE A 203 -0.72 8.86 6.17
N SER A 204 -0.70 9.17 4.87
CA SER A 204 -1.89 9.66 4.17
C SER A 204 -2.55 8.52 3.40
N LEU A 205 -3.87 8.43 3.50
CA LEU A 205 -4.64 7.40 2.82
C LEU A 205 -5.07 7.94 1.46
N ASN A 206 -4.75 7.18 0.41
CA ASN A 206 -5.22 7.44 -0.95
C ASN A 206 -5.60 6.11 -1.57
N HIS A 207 -6.28 6.17 -2.71
CA HIS A 207 -6.70 4.97 -3.41
C HIS A 207 -6.30 5.06 -4.88
N GLU A 208 -5.41 4.18 -5.32
CA GLU A 208 -4.91 4.18 -6.70
C GLU A 208 -5.94 3.84 -7.76
N ILE A 209 -7.16 3.55 -7.33
CA ILE A 209 -8.22 3.21 -8.22
C ILE A 209 -8.98 4.47 -8.66
N LYS A 210 -8.61 5.62 -8.12
CA LYS A 210 -9.24 6.89 -8.45
C LYS A 210 -8.37 7.63 -9.48
N ASP A 211 -8.93 7.87 -10.67
CA ASP A 211 -8.12 8.49 -11.71
C ASP A 211 -7.60 9.87 -11.30
N PHE A 212 -8.41 10.66 -10.60
CA PHE A 212 -7.97 12.02 -10.28
C PHE A 212 -6.88 12.02 -9.19
N THR A 213 -6.86 11.03 -8.32
CA THR A 213 -5.75 10.93 -7.38
C THR A 213 -4.44 10.77 -8.14
N VAL A 214 -4.45 9.94 -9.18
CA VAL A 214 -3.22 9.66 -9.92
C VAL A 214 -2.84 10.82 -10.82
N ASP A 215 -3.83 11.38 -11.54
CA ASP A 215 -3.54 12.35 -12.59
C ASP A 215 -3.57 13.80 -12.13
N GLN A 216 -4.21 14.11 -11.01
CA GLN A 216 -4.27 15.51 -10.57
C GLN A 216 -3.68 15.71 -9.19
N VAL A 217 -4.12 14.91 -8.21
CA VAL A 217 -3.68 15.15 -6.82
C VAL A 217 -2.18 14.89 -6.67
N ILE A 218 -1.74 13.66 -6.96
CA ILE A 218 -0.34 13.31 -6.68
C ILE A 218 0.64 14.16 -7.47
N PRO A 219 0.43 14.47 -8.75
CA PRO A 219 1.39 15.37 -9.41
C PRO A 219 1.45 16.76 -8.79
N ALA A 220 0.34 17.23 -8.21
CA ALA A 220 0.35 18.52 -7.53
C ALA A 220 1.01 18.44 -6.15
N VAL A 221 0.78 17.35 -5.41
CA VAL A 221 1.17 17.37 -4.00
C VAL A 221 2.61 16.93 -3.79
N ILE A 222 3.19 16.14 -4.71
CA ILE A 222 4.62 15.84 -4.59
C ILE A 222 5.46 17.11 -4.47
N PRO A 223 5.33 18.09 -5.36
CA PRO A 223 6.15 19.31 -5.18
C PRO A 223 5.81 20.08 -3.93
N ILE A 224 4.52 20.17 -3.58
CA ILE A 224 4.15 20.87 -2.34
C ILE A 224 4.90 20.29 -1.16
N LEU A 225 4.87 18.96 -1.01
CA LEU A 225 5.46 18.30 0.13
C LEU A 225 6.98 18.33 0.08
N GLN A 226 7.58 18.03 -1.07
CA GLN A 226 9.04 18.06 -1.16
C GLN A 226 9.60 19.47 -0.95
N GLN A 227 8.95 20.48 -1.55
CA GLN A 227 9.49 21.83 -1.48
C GLN A 227 9.42 22.41 -0.07
N LYS A 228 8.46 21.96 0.76
CA LYS A 228 8.42 22.44 2.14
C LYS A 228 9.28 21.61 3.09
N GLY A 229 10.12 20.72 2.58
CA GLY A 229 11.07 20.00 3.42
C GLY A 229 10.72 18.57 3.80
N PHE A 230 9.64 18.00 3.26
CA PHE A 230 9.29 16.65 3.67
C PHE A 230 9.94 15.63 2.75
N SER A 231 10.30 14.48 3.32
CA SER A 231 10.94 13.39 2.59
C SER A 231 9.88 12.32 2.37
N LEU A 232 9.55 12.05 1.10
CA LEU A 232 8.45 11.15 0.71
C LEU A 232 8.96 9.71 0.76
N GLN A 233 8.77 9.09 1.92
CA GLN A 233 9.30 7.77 2.27
C GLN A 233 8.20 6.72 2.30
N THR A 234 8.58 5.45 2.17
CA THR A 234 7.70 4.34 2.49
C THR A 234 7.37 4.33 3.97
N VAL A 235 6.29 3.62 4.32
CA VAL A 235 5.89 3.50 5.74
C VAL A 235 6.99 2.87 6.60
N PRO A 236 7.56 1.70 6.27
CA PRO A 236 8.61 1.13 7.14
C PRO A 236 9.78 2.07 7.37
N GLU A 237 10.21 2.80 6.33
CA GLU A 237 11.33 3.71 6.53
C GLU A 237 10.96 4.85 7.48
N CYS A 238 9.79 5.46 7.29
CA CYS A 238 9.35 6.59 8.13
C CYS A 238 9.02 6.19 9.56
N LEU A 239 8.79 4.88 9.79
CA LEU A 239 8.67 4.31 11.13
C LEU A 239 10.01 3.98 11.76
N GLY A 240 11.13 4.29 11.11
CA GLY A 240 12.41 3.89 11.70
C GLY A 240 12.66 2.40 11.70
N LEU A 241 11.84 1.66 10.98
CA LEU A 241 12.21 0.31 10.67
C LEU A 241 13.23 0.46 9.54
N SER A 242 13.48 -0.56 8.77
CA SER A 242 14.60 -0.47 7.84
C SER A 242 14.26 0.41 6.63
N SER A 243 15.26 1.10 6.09
CA SER A 243 15.11 1.72 4.77
C SER A 243 15.55 0.80 3.63
N ASP A 244 16.01 -0.40 3.94
CA ASP A 244 16.37 -1.38 2.92
C ASP A 244 15.12 -2.12 2.45
N PRO A 245 14.71 -2.01 1.19
CA PRO A 245 13.48 -2.72 0.74
C PRO A 245 13.47 -4.22 1.02
N ALA A 246 14.63 -4.89 0.96
CA ALA A 246 14.67 -6.32 1.23
C ALA A 246 14.20 -6.66 2.63
N ASP A 247 14.27 -5.71 3.59
CA ASP A 247 13.80 -5.98 4.94
C ASP A 247 12.27 -5.89 5.09
N TRP A 248 11.55 -5.48 4.08
CA TRP A 248 10.09 -5.36 4.16
C TRP A 248 9.38 -6.66 3.77
N TYR A 249 10.14 -7.67 3.34
CA TYR A 249 9.58 -8.90 2.84
C TYR A 249 10.39 -10.08 3.35
N VAL A 250 9.85 -11.27 3.16
CA VAL A 250 10.58 -12.52 3.39
C VAL A 250 10.80 -13.19 2.04
N ARG A 251 12.07 -13.42 1.71
CA ARG A 251 12.40 -14.11 0.48
C ARG A 251 12.05 -15.58 0.60
N VAL A 252 11.36 -16.13 -0.41
CA VAL A 252 10.85 -17.49 -0.34
C VAL A 252 11.50 -18.39 -1.40
N GLN A 253 11.57 -17.90 -2.64
CA GLN A 253 12.10 -18.68 -3.76
C GLN A 253 12.34 -17.72 -4.91
N GLU A 254 12.89 -18.21 -6.02
CA GLU A 254 13.08 -17.29 -7.14
C GLU A 254 11.72 -16.92 -7.74
N PRO A 255 11.59 -15.71 -8.30
CA PRO A 255 10.33 -15.33 -8.97
C PRO A 255 9.98 -16.37 -10.03
N GLY A 256 8.67 -16.65 -10.16
CA GLY A 256 8.20 -17.60 -11.14
C GLY A 256 8.05 -16.99 -12.54
N THR A 257 7.83 -17.87 -13.50
CA THR A 257 7.44 -17.48 -14.85
C THR A 257 5.93 -17.65 -14.97
N ARG A 258 5.30 -16.76 -15.74
CA ARG A 258 3.85 -16.86 -15.92
C ARG A 258 3.48 -18.25 -16.45
N ASP A 259 2.49 -18.87 -15.81
CA ASP A 259 1.92 -20.13 -16.31
C ASP A 259 0.42 -20.09 -16.01
N ASP A 260 -0.25 -21.23 -16.14
CA ASP A 260 -1.70 -21.16 -15.99
C ASP A 260 -2.14 -21.05 -14.54
N SER A 261 -1.23 -21.15 -13.57
CA SER A 261 -1.60 -20.83 -12.20
C SER A 261 -1.62 -19.34 -11.90
N TRP A 262 -1.15 -18.51 -12.83
CA TRP A 262 -1.24 -17.06 -12.67
C TRP A 262 -2.64 -16.64 -13.08
N THR A 263 -3.60 -16.92 -12.20
CA THR A 263 -5.00 -16.65 -12.48
C THR A 263 -5.74 -16.33 -11.19
N CYS A 264 -6.82 -15.57 -11.31
CA CYS A 264 -7.74 -15.38 -10.19
C CYS A 264 -9.02 -16.17 -10.34
N GLU A 265 -9.19 -16.96 -11.41
CA GLU A 265 -10.35 -17.84 -11.55
C GLU A 265 -10.50 -18.77 -10.35
ZN ZN B . -9.51 -0.66 0.58
C1 8GK C . -10.30 1.10 2.66
C2 8GK C . -11.29 1.92 3.47
C3 8GK C . -12.66 2.10 3.28
C4 8GK C . -13.36 2.89 4.16
C5 8GK C . -12.70 3.51 5.24
C6 8GK C . -11.33 3.33 5.43
C7 8GK C . -10.63 2.52 4.54
C8 8GK C . -14.74 3.06 3.95
C9 8GK C . -15.37 2.45 2.88
C10 8GK C . -14.65 1.65 1.99
C11 8GK C . -13.30 1.47 2.19
O12 8GK C . -10.38 -0.10 2.62
N13 8GK C . -9.30 1.81 1.92
O14 8GK C . -8.41 1.08 1.18
#